data_6WPI
#
_entry.id   6WPI
#
_cell.length_a   71.925
_cell.length_b   119.540
_cell.length_c   142.047
_cell.angle_alpha   90.000
_cell.angle_beta   90.000
_cell.angle_gamma   90.000
#
_symmetry.space_group_name_H-M   'P 21 21 21'
#
loop_
_entity.id
_entity.type
_entity.pdbx_description
1 polymer 'Nucleolar protein 9'
2 polymer 'RNA (47-MER)'
3 non-polymer "3,3',3''-phosphanetriyltripropanoic acid"
4 non-polymer GLYCEROL
#
loop_
_entity_poly.entity_id
_entity_poly.type
_entity_poly.pdbx_seq_one_letter_code
_entity_poly.pdbx_strand_id
1 'polypeptide(L)'
;ETQPQMFFGVLDREELEYFKQAESTLQLDAFEAPEEKFQFVTSIIEEAKGKELKLVTSQITSKLMERVILECDETQLKDI
FQSFNGVFFGLSCHKYASHVLETLFVRSAALVERELLTSGSVTMENMFLFMLNELKPHLKTMMNHQYASHVLRLLILILS
SKTLPNSTKANSTLRSKKSKIARKMIDIKDNDDFNKVYQTPESFKSELRDIITTLYKGFTNGAESRSDISQSTITKFREY
SVDKVASPVIQLIIQVEGIFDRDRSFWRLVFNTADEKDPKEESFLEYLLSDPVGSHFLENVIGSARLKYVERLYRLYMKD
RIVKLAKRDTTGAFVVRALLEHLKEKDVKQILDAVVPELSMLLNSNMDFGTAIINTSNKQGGYLRDDVIAQLIQKYYPEK
SDAKNILESCLLLSASTLGNTRDDWPTAEERRRSVFLEQLIDYDDKFLNITIDSMLALPEERLIQMCYHGVFSHVVEHVL
QTTRVDIIKRKMLLNILSKESVNLACNVYGSHIMDKLWEFTAKLTLYKERIARALVLETEKVKNSIYGRQVWKNWKLELY
VRKMWDWKKLIKEQEFEIFPNSKPLQPKPEK
;
A
2 'polyribonucleotide' GGUAAUAAUUUUGAAAAUGCUAAGGAUGAAAGUCUAUGCGUUUCAAC B,C
#
# COMPACT_ATOMS: atom_id res chain seq x y z
N THR A 2 -1.90 -38.21 4.14
CA THR A 2 -0.78 -37.51 3.50
C THR A 2 -0.64 -36.09 4.04
N GLN A 3 -0.29 -35.97 5.32
CA GLN A 3 -0.13 -34.69 5.97
C GLN A 3 1.27 -34.58 6.55
N PRO A 4 1.98 -33.47 6.33
CA PRO A 4 3.35 -33.37 6.84
C PRO A 4 3.38 -33.19 8.35
N GLN A 5 4.49 -33.60 8.95
CA GLN A 5 4.66 -33.50 10.39
C GLN A 5 4.81 -32.03 10.78
N MET A 6 3.97 -31.57 11.71
CA MET A 6 4.02 -30.20 12.18
C MET A 6 4.13 -30.10 13.69
N PHE A 7 4.15 -31.22 14.40
CA PHE A 7 4.31 -31.23 15.84
C PHE A 7 5.71 -31.76 16.14
N PHE A 8 6.44 -31.05 17.00
CA PHE A 8 7.82 -31.40 17.32
C PHE A 8 8.05 -31.33 18.83
N GLY A 9 7.04 -31.65 19.61
CA GLY A 9 7.15 -31.64 21.05
C GLY A 9 6.71 -30.33 21.66
N VAL A 10 6.64 -30.33 22.99
CA VAL A 10 6.20 -29.19 23.77
C VAL A 10 7.30 -28.82 24.76
N LEU A 11 7.26 -27.57 25.21
CA LEU A 11 8.16 -27.10 26.25
C LEU A 11 7.49 -27.24 27.61
N ASP A 12 8.30 -27.50 28.64
CA ASP A 12 7.75 -27.53 29.98
C ASP A 12 7.67 -26.11 30.53
N ARG A 13 6.97 -25.97 31.66
CA ARG A 13 6.61 -24.64 32.14
C ARG A 13 7.84 -23.78 32.47
N GLU A 14 8.97 -24.41 32.82
CA GLU A 14 10.18 -23.65 33.10
C GLU A 14 10.66 -22.93 31.85
N GLU A 15 10.80 -23.66 30.74
CA GLU A 15 11.23 -23.05 29.49
C GLU A 15 10.25 -21.99 29.02
N LEU A 16 8.95 -22.28 29.13
CA LEU A 16 7.93 -21.30 28.74
C LEU A 16 8.08 -20.01 29.54
N GLU A 17 8.28 -20.12 30.85
CA GLU A 17 8.44 -18.92 31.66
C GLU A 17 9.72 -18.16 31.29
N TYR A 18 10.82 -18.89 31.07
CA TYR A 18 12.06 -18.24 30.66
C TYR A 18 11.86 -17.45 29.37
N PHE A 19 11.22 -18.07 28.37
CA PHE A 19 11.07 -17.41 27.07
C PHE A 19 10.06 -16.27 27.12
N LYS A 20 9.02 -16.39 27.98
CA LYS A 20 8.13 -15.25 28.19
C LYS A 20 8.89 -14.05 28.75
N GLN A 21 9.71 -14.30 29.79
CA GLN A 21 10.49 -13.21 30.38
C GLN A 21 11.48 -12.63 29.36
N ALA A 22 12.11 -13.51 28.57
CA ALA A 22 13.07 -13.03 27.57
C ALA A 22 12.39 -12.19 26.50
N GLU A 23 11.19 -12.59 26.07
CA GLU A 23 10.46 -11.79 25.09
C GLU A 23 10.09 -10.43 25.65
N SER A 24 9.65 -10.40 26.92
CA SER A 24 9.36 -9.12 27.57
C SER A 24 10.60 -8.22 27.58
N THR A 25 11.75 -8.77 28.04
CA THR A 25 12.97 -7.99 28.12
C THR A 25 13.40 -7.47 26.75
N LEU A 26 13.35 -8.32 25.72
CA LEU A 26 13.74 -7.89 24.38
C LEU A 26 12.77 -6.86 23.81
N GLN A 27 11.49 -6.97 24.16
CA GLN A 27 10.50 -6.03 23.63
C GLN A 27 10.66 -4.64 24.25
N LEU A 28 10.97 -4.58 25.54
CA LEU A 28 11.15 -3.27 26.17
C LEU A 28 12.29 -2.48 25.54
N ASP A 29 13.32 -3.17 25.03
CA ASP A 29 14.47 -2.52 24.38
C ASP A 29 15.14 -1.52 25.31
N ALA A 30 15.26 -1.90 26.59
CA ALA A 30 15.87 -1.05 27.61
C ALA A 30 17.38 -1.21 27.70
N PHE A 31 18.04 -1.58 26.60
CA PHE A 31 19.47 -1.78 26.62
C PHE A 31 20.19 -0.50 26.18
N GLU A 32 21.31 -0.21 26.84
CA GLU A 32 22.08 0.99 26.53
C GLU A 32 22.80 0.86 25.19
N ALA A 33 23.95 0.20 25.20
CA ALA A 33 24.70 0.03 23.97
C ALA A 33 24.10 -1.12 23.15
N PRO A 34 24.09 -1.00 21.81
CA PRO A 34 23.61 -2.11 20.98
C PRO A 34 24.38 -3.41 21.19
N GLU A 35 25.61 -3.33 21.69
CA GLU A 35 26.37 -4.56 21.98
C GLU A 35 25.71 -5.36 23.09
N GLU A 36 25.11 -4.68 24.07
CA GLU A 36 24.36 -5.37 25.10
C GLU A 36 23.15 -6.08 24.51
N LYS A 37 22.45 -5.43 23.58
CA LYS A 37 21.33 -6.07 22.91
C LYS A 37 21.79 -7.30 22.12
N PHE A 38 22.91 -7.17 21.41
CA PHE A 38 23.41 -8.31 20.64
C PHE A 38 23.80 -9.46 21.55
N GLN A 39 24.42 -9.17 22.70
CA GLN A 39 24.78 -10.23 23.63
C GLN A 39 23.54 -10.88 24.24
N PHE A 40 22.49 -10.10 24.50
CA PHE A 40 21.26 -10.69 25.02
C PHE A 40 20.58 -11.57 23.97
N VAL A 41 20.58 -11.13 22.72
CA VAL A 41 20.05 -11.95 21.63
C VAL A 41 20.84 -13.24 21.51
N THR A 42 22.18 -13.15 21.61
CA THR A 42 23.02 -14.33 21.55
C THR A 42 22.74 -15.28 22.72
N SER A 43 22.43 -14.73 23.89
CA SER A 43 22.09 -15.57 25.03
C SER A 43 20.77 -16.30 24.80
N ILE A 44 19.76 -15.58 24.28
CA ILE A 44 18.48 -16.21 23.97
C ILE A 44 18.67 -17.31 22.93
N ILE A 45 19.52 -17.06 21.94
CA ILE A 45 19.79 -18.06 20.91
C ILE A 45 20.49 -19.26 21.52
N GLU A 46 21.46 -19.04 22.41
CA GLU A 46 22.17 -20.13 23.03
C GLU A 46 21.24 -21.00 23.86
N GLU A 47 20.29 -20.39 24.58
CA GLU A 47 19.29 -21.17 25.29
C GLU A 47 18.30 -21.85 24.35
N ALA A 48 18.13 -21.32 23.14
CA ALA A 48 17.17 -21.85 22.19
C ALA A 48 17.74 -22.92 21.28
N LYS A 49 18.98 -23.35 21.51
CA LYS A 49 19.57 -24.38 20.67
C LYS A 49 18.83 -25.70 20.86
N GLY A 50 18.51 -26.36 19.75
CA GLY A 50 17.81 -27.63 19.79
C GLY A 50 16.30 -27.50 19.84
N LYS A 51 15.82 -26.44 20.51
CA LYS A 51 14.40 -26.22 20.71
C LYS A 51 13.75 -25.40 19.60
N GLU A 52 14.47 -25.14 18.51
CA GLU A 52 13.94 -24.25 17.46
C GLU A 52 12.59 -24.73 16.95
N LEU A 53 12.49 -26.03 16.60
CA LEU A 53 11.23 -26.57 16.11
C LEU A 53 10.11 -26.42 17.13
N LYS A 54 10.44 -26.55 18.42
CA LYS A 54 9.42 -26.41 19.44
C LYS A 54 9.01 -24.95 19.61
N LEU A 55 9.96 -24.02 19.45
CA LEU A 55 9.70 -22.61 19.68
C LEU A 55 8.87 -22.00 18.56
N VAL A 56 9.18 -22.34 17.31
CA VAL A 56 8.45 -21.71 16.21
C VAL A 56 7.08 -22.29 15.96
N THR A 57 6.72 -23.39 16.62
CA THR A 57 5.41 -24.03 16.43
C THR A 57 4.49 -23.82 17.62
N SER A 58 4.82 -22.92 18.53
CA SER A 58 3.96 -22.58 19.66
C SER A 58 3.51 -21.14 19.56
N GLN A 59 2.21 -20.91 19.74
CA GLN A 59 1.68 -19.55 19.68
C GLN A 59 2.26 -18.66 20.76
N ILE A 60 2.85 -19.26 21.80
CA ILE A 60 3.39 -18.46 22.89
C ILE A 60 4.79 -17.94 22.55
N THR A 61 5.56 -18.65 21.73
CA THR A 61 6.94 -18.27 21.48
C THR A 61 7.27 -17.99 20.02
N SER A 62 6.31 -18.13 19.09
CA SER A 62 6.64 -17.89 17.69
C SER A 62 6.98 -16.43 17.45
N LYS A 63 6.26 -15.50 18.10
CA LYS A 63 6.58 -14.08 17.96
C LYS A 63 7.99 -13.78 18.46
N LEU A 64 8.39 -14.40 19.57
CA LEU A 64 9.75 -14.22 20.07
C LEU A 64 10.77 -14.71 19.04
N MET A 65 10.47 -15.82 18.37
CA MET A 65 11.37 -16.30 17.34
C MET A 65 11.46 -15.32 16.18
N GLU A 66 10.34 -14.68 15.81
CA GLU A 66 10.38 -13.67 14.76
C GLU A 66 11.28 -12.50 15.17
N ARG A 67 11.11 -12.02 16.40
CA ARG A 67 11.97 -10.95 16.90
C ARG A 67 13.43 -11.35 16.83
N VAL A 68 13.75 -12.57 17.28
CA VAL A 68 15.13 -13.02 17.30
C VAL A 68 15.70 -13.08 15.88
N ILE A 69 14.89 -13.55 14.93
CA ILE A 69 15.33 -13.60 13.54
C ILE A 69 15.60 -12.20 13.03
N LEU A 70 14.80 -11.22 13.46
CA LEU A 70 15.01 -9.86 13.01
C LEU A 70 16.25 -9.22 13.65
N GLU A 71 16.56 -9.58 14.91
CA GLU A 71 17.57 -8.88 15.69
C GLU A 71 18.93 -9.55 15.70
N CYS A 72 19.02 -10.83 15.39
CA CYS A 72 20.29 -11.54 15.46
C CYS A 72 21.25 -11.04 14.38
N ASP A 73 22.48 -11.54 14.42
CA ASP A 73 23.45 -11.18 13.39
C ASP A 73 23.24 -12.06 12.17
N GLU A 74 24.23 -12.13 11.28
CA GLU A 74 24.09 -12.92 10.06
C GLU A 74 24.49 -14.38 10.27
N THR A 75 25.52 -14.63 11.08
CA THR A 75 25.89 -16.01 11.38
C THR A 75 24.79 -16.71 12.16
N GLN A 76 24.18 -16.02 13.12
CA GLN A 76 23.06 -16.60 13.86
C GLN A 76 21.86 -16.78 12.95
N LEU A 77 21.66 -15.88 11.96
CA LEU A 77 20.59 -16.06 11.00
C LEU A 77 20.79 -17.32 10.17
N LYS A 78 22.03 -17.57 9.73
CA LYS A 78 22.30 -18.80 8.99
C LYS A 78 22.10 -20.03 9.87
N ASP A 79 22.49 -19.93 11.15
CA ASP A 79 22.25 -21.03 12.07
C ASP A 79 20.75 -21.34 12.18
N ILE A 80 19.94 -20.32 12.42
CA ILE A 80 18.50 -20.53 12.56
C ILE A 80 17.92 -21.08 11.27
N PHE A 81 18.35 -20.54 10.12
CA PHE A 81 17.85 -21.06 8.84
C PHE A 81 18.20 -22.54 8.69
N GLN A 82 19.42 -22.93 9.08
CA GLN A 82 19.82 -24.32 8.93
C GLN A 82 19.06 -25.22 9.88
N SER A 83 18.67 -24.73 11.06
CA SER A 83 18.01 -25.61 12.03
C SER A 83 16.62 -26.02 11.55
N PHE A 84 15.99 -25.23 10.67
CA PHE A 84 14.69 -25.58 10.12
C PHE A 84 14.78 -26.58 8.97
N ASN A 85 15.99 -26.94 8.55
CA ASN A 85 16.15 -27.74 7.35
C ASN A 85 15.50 -29.10 7.53
N GLY A 86 14.86 -29.59 6.46
CA GLY A 86 14.16 -30.86 6.51
C GLY A 86 12.65 -30.75 6.68
N VAL A 87 12.19 -29.82 7.53
CA VAL A 87 10.76 -29.71 7.82
C VAL A 87 10.18 -28.37 7.36
N PHE A 88 10.61 -27.89 6.19
CA PHE A 88 10.14 -26.58 5.73
C PHE A 88 8.68 -26.64 5.29
N PHE A 89 8.30 -27.68 4.55
CA PHE A 89 6.91 -27.83 4.12
C PHE A 89 5.98 -27.92 5.33
N GLY A 90 6.36 -28.74 6.32
CA GLY A 90 5.53 -28.88 7.51
C GLY A 90 5.38 -27.58 8.26
N LEU A 91 6.49 -26.86 8.49
CA LEU A 91 6.39 -25.56 9.13
C LEU A 91 5.52 -24.61 8.33
N SER A 92 5.65 -24.61 7.00
CA SER A 92 4.86 -23.68 6.20
C SER A 92 3.38 -24.05 6.21
N CYS A 93 3.03 -25.27 6.62
CA CYS A 93 1.62 -25.62 6.82
C CYS A 93 1.14 -25.36 8.23
N HIS A 94 1.97 -24.77 9.09
CA HIS A 94 1.63 -24.52 10.49
C HIS A 94 1.12 -23.09 10.64
N LYS A 95 0.11 -22.92 11.49
CA LYS A 95 -0.56 -21.61 11.60
C LYS A 95 0.40 -20.53 12.05
N TYR A 96 1.23 -20.81 13.06
CA TYR A 96 2.14 -19.81 13.59
C TYR A 96 3.55 -19.91 13.02
N ALA A 97 3.97 -21.08 12.55
CA ALA A 97 5.31 -21.22 12.01
C ALA A 97 5.45 -20.67 10.61
N SER A 98 4.36 -20.61 9.84
CA SER A 98 4.43 -20.04 8.50
C SER A 98 4.80 -18.56 8.56
N HIS A 99 4.33 -17.84 9.58
CA HIS A 99 4.73 -16.44 9.75
C HIS A 99 6.22 -16.32 10.08
N VAL A 100 6.72 -17.20 10.93
CA VAL A 100 8.16 -17.21 11.21
C VAL A 100 8.94 -17.48 9.93
N LEU A 101 8.44 -18.40 9.10
CA LEU A 101 9.11 -18.66 7.83
C LEU A 101 9.07 -17.43 6.94
N GLU A 102 8.00 -16.66 7.01
CA GLU A 102 7.91 -15.45 6.19
C GLU A 102 8.96 -14.43 6.62
N THR A 103 9.06 -14.19 7.92
CA THR A 103 10.08 -13.26 8.43
C THR A 103 11.48 -13.73 8.05
N LEU A 104 11.75 -15.02 8.27
CA LEU A 104 13.06 -15.59 7.97
C LEU A 104 13.38 -15.46 6.49
N PHE A 105 12.41 -15.72 5.61
CA PHE A 105 12.71 -15.70 4.18
C PHE A 105 12.93 -14.30 3.67
N VAL A 106 12.21 -13.31 4.21
CA VAL A 106 12.48 -11.92 3.82
C VAL A 106 13.88 -11.51 4.25
N ARG A 107 14.22 -11.73 5.54
CA ARG A 107 15.56 -11.37 6.01
C ARG A 107 16.65 -12.09 5.22
N SER A 108 16.43 -13.36 4.88
CA SER A 108 17.44 -14.12 4.17
C SER A 108 17.55 -13.69 2.71
N ALA A 109 16.45 -13.25 2.10
CA ALA A 109 16.53 -12.66 0.77
C ALA A 109 17.36 -11.38 0.80
N ALA A 110 17.17 -10.56 1.83
CA ALA A 110 18.02 -9.38 1.99
C ALA A 110 19.49 -9.77 2.11
N LEU A 111 19.79 -10.78 2.94
CA LEU A 111 21.17 -11.22 3.10
C LEU A 111 21.74 -11.78 1.79
N VAL A 112 20.93 -12.47 0.99
CA VAL A 112 21.43 -12.97 -0.28
C VAL A 112 21.72 -11.82 -1.22
N GLU A 113 20.90 -10.76 -1.18
CA GLU A 113 21.21 -9.57 -1.95
C GLU A 113 22.56 -8.98 -1.53
N ARG A 114 22.79 -8.88 -0.21
CA ARG A 114 24.05 -8.34 0.26
C ARG A 114 25.24 -9.20 -0.19
N GLU A 115 25.16 -10.52 0.04
CA GLU A 115 26.25 -11.41 -0.35
C GLU A 115 26.41 -11.53 -1.86
N LEU A 116 25.41 -11.09 -2.63
CA LEU A 116 25.53 -11.07 -4.08
C LEU A 116 26.27 -9.84 -4.57
N LEU A 117 26.20 -8.74 -3.82
CA LEU A 117 26.81 -7.47 -4.20
C LEU A 117 28.00 -7.12 -3.31
N THR A 118 28.69 -8.13 -2.79
CA THR A 118 29.92 -7.95 -2.02
C THR A 118 30.86 -9.10 -2.34
N SER A 119 31.09 -9.99 -1.38
CA SER A 119 31.92 -11.16 -1.57
C SER A 119 30.99 -12.35 -1.72
N GLY A 120 30.83 -12.83 -2.96
CA GLY A 120 29.94 -13.93 -3.26
C GLY A 120 30.10 -15.13 -2.36
N SER A 121 29.52 -15.05 -1.15
CA SER A 121 29.63 -16.16 -0.19
C SER A 121 28.83 -17.38 -0.65
N VAL A 122 27.74 -17.15 -1.40
CA VAL A 122 26.85 -18.16 -1.96
C VAL A 122 26.44 -19.23 -0.96
N THR A 123 26.70 -18.98 0.33
CA THR A 123 26.18 -19.89 1.35
C THR A 123 24.68 -19.71 1.51
N MET A 124 24.24 -18.47 1.81
CA MET A 124 22.82 -18.22 1.95
C MET A 124 22.07 -18.58 0.67
N GLU A 125 22.68 -18.31 -0.49
CA GLU A 125 22.05 -18.68 -1.75
C GLU A 125 21.83 -20.18 -1.83
N ASN A 126 22.81 -20.96 -1.38
CA ASN A 126 22.66 -22.41 -1.43
C ASN A 126 21.62 -22.91 -0.45
N MET A 127 21.56 -22.32 0.76
CA MET A 127 20.50 -22.69 1.68
C MET A 127 19.12 -22.39 1.09
N PHE A 128 18.99 -21.24 0.42
CA PHE A 128 17.73 -20.91 -0.23
C PHE A 128 17.39 -21.92 -1.32
N LEU A 129 18.37 -22.32 -2.11
CA LEU A 129 18.11 -23.31 -3.14
C LEU A 129 17.73 -24.67 -2.53
N PHE A 130 18.33 -25.01 -1.39
CA PHE A 130 17.99 -26.27 -0.73
C PHE A 130 16.54 -26.26 -0.26
N MET A 131 16.09 -25.15 0.34
CA MET A 131 14.70 -25.11 0.79
C MET A 131 13.74 -25.07 -0.41
N LEU A 132 14.11 -24.38 -1.48
CA LEU A 132 13.23 -24.35 -2.64
C LEU A 132 13.08 -25.74 -3.24
N ASN A 133 14.17 -26.51 -3.30
CA ASN A 133 14.06 -27.88 -3.79
C ASN A 133 13.30 -28.77 -2.82
N GLU A 134 13.38 -28.47 -1.52
CA GLU A 134 12.53 -29.17 -0.54
C GLU A 134 11.05 -28.95 -0.85
N LEU A 135 10.69 -27.74 -1.24
CA LEU A 135 9.28 -27.42 -1.44
C LEU A 135 8.76 -27.81 -2.82
N LYS A 136 9.64 -27.96 -3.81
CA LYS A 136 9.19 -28.19 -5.18
C LYS A 136 8.23 -29.36 -5.37
N PRO A 137 8.39 -30.51 -4.73
CA PRO A 137 7.38 -31.56 -4.85
C PRO A 137 6.10 -31.31 -4.08
N HIS A 138 5.93 -30.16 -3.44
CA HIS A 138 4.70 -29.87 -2.71
C HIS A 138 4.00 -28.61 -3.20
N LEU A 139 4.38 -28.08 -4.36
CA LEU A 139 3.90 -26.77 -4.77
C LEU A 139 2.39 -26.76 -4.98
N LYS A 140 1.86 -27.75 -5.69
CA LYS A 140 0.41 -27.77 -5.93
C LYS A 140 -0.35 -27.80 -4.61
N THR A 141 0.16 -28.56 -3.63
CA THR A 141 -0.47 -28.62 -2.32
C THR A 141 -0.38 -27.28 -1.60
N MET A 142 0.79 -26.65 -1.64
CA MET A 142 0.95 -25.36 -0.98
C MET A 142 -0.03 -24.34 -1.53
N MET A 143 -0.23 -24.34 -2.85
CA MET A 143 -1.08 -23.34 -3.48
C MET A 143 -2.49 -23.34 -2.92
N ASN A 144 -2.98 -24.50 -2.47
CA ASN A 144 -4.35 -24.62 -1.96
C ASN A 144 -4.43 -24.61 -0.44
N HIS A 145 -3.34 -24.31 0.26
CA HIS A 145 -3.31 -24.38 1.72
C HIS A 145 -3.48 -22.99 2.32
N GLN A 146 -4.24 -22.91 3.41
CA GLN A 146 -4.59 -21.60 3.96
C GLN A 146 -3.37 -20.88 4.52
N TYR A 147 -2.34 -21.63 4.94
CA TYR A 147 -1.11 -21.02 5.45
C TYR A 147 0.07 -21.19 4.51
N ALA A 148 0.22 -22.34 3.87
CA ALA A 148 1.38 -22.51 3.00
C ALA A 148 1.30 -21.64 1.77
N SER A 149 0.10 -21.30 1.31
CA SER A 149 -0.02 -20.46 0.12
C SER A 149 0.60 -19.08 0.35
N HIS A 150 0.52 -18.58 1.58
CA HIS A 150 1.19 -17.32 1.91
C HIS A 150 2.69 -17.44 1.75
N VAL A 151 3.26 -18.56 2.21
CA VAL A 151 4.70 -18.77 2.06
C VAL A 151 5.06 -18.89 0.59
N LEU A 152 4.22 -19.56 -0.20
CA LEU A 152 4.49 -19.70 -1.63
C LEU A 152 4.44 -18.35 -2.34
N ARG A 153 3.45 -17.52 -2.02
CA ARG A 153 3.36 -16.19 -2.60
C ARG A 153 4.59 -15.37 -2.25
N LEU A 154 5.00 -15.40 -0.98
CA LEU A 154 6.19 -14.66 -0.59
C LEU A 154 7.41 -15.14 -1.36
N LEU A 155 7.55 -16.46 -1.53
CA LEU A 155 8.70 -16.98 -2.25
C LEU A 155 8.70 -16.52 -3.70
N ILE A 156 7.52 -16.50 -4.33
CA ILE A 156 7.45 -16.04 -5.72
C ILE A 156 7.78 -14.56 -5.82
N LEU A 157 7.30 -13.76 -4.86
CA LEU A 157 7.69 -12.35 -4.82
C LEU A 157 9.20 -12.21 -4.74
N ILE A 158 9.82 -12.85 -3.75
CA ILE A 158 11.26 -12.76 -3.55
C ILE A 158 12.00 -13.14 -4.83
N LEU A 159 11.62 -14.27 -5.43
CA LEU A 159 12.35 -14.75 -6.60
C LEU A 159 12.20 -13.82 -7.79
N SER A 160 11.02 -13.25 -7.98
CA SER A 160 10.79 -12.34 -9.09
C SER A 160 11.15 -10.90 -8.75
N SER A 161 11.84 -10.67 -7.62
CA SER A 161 12.26 -9.33 -7.19
C SER A 161 11.09 -8.37 -7.18
N LYS A 162 10.25 -8.42 -6.16
CA LYS A 162 9.14 -7.50 -6.03
C LYS A 162 8.99 -7.11 -4.57
N THR A 163 8.07 -6.19 -4.31
CA THR A 163 7.95 -5.58 -2.99
C THR A 163 7.38 -6.57 -1.99
N LEU A 164 8.17 -6.89 -0.97
CA LEU A 164 7.87 -7.79 0.13
C LEU A 164 7.20 -7.03 1.27
N PRO A 165 6.22 -7.63 1.96
CA PRO A 165 5.57 -6.98 3.11
C PRO A 165 6.44 -7.00 4.37
N VAL A 197 12.31 -4.44 -1.79
CA VAL A 197 12.80 -5.00 -3.05
C VAL A 197 14.31 -5.28 -2.97
N TYR A 198 14.70 -6.50 -3.31
CA TYR A 198 16.08 -6.94 -3.22
C TYR A 198 16.51 -7.60 -4.52
N GLN A 199 17.78 -7.43 -4.87
CA GLN A 199 18.33 -8.01 -6.09
C GLN A 199 18.55 -9.52 -5.90
N THR A 200 18.49 -10.25 -7.01
CA THR A 200 18.51 -11.70 -6.99
C THR A 200 19.51 -12.26 -7.99
N PRO A 201 20.32 -13.23 -7.59
CA PRO A 201 21.17 -13.95 -8.55
C PRO A 201 20.33 -14.60 -9.64
N GLU A 202 21.00 -14.96 -10.74
CA GLU A 202 20.30 -15.63 -11.84
C GLU A 202 19.74 -16.96 -11.41
N SER A 203 20.34 -17.59 -10.40
CA SER A 203 19.77 -18.79 -9.82
C SER A 203 18.34 -18.55 -9.34
N PHE A 204 18.03 -17.33 -8.89
CA PHE A 204 16.67 -17.06 -8.43
C PHE A 204 15.70 -16.99 -9.60
N LYS A 205 16.12 -16.40 -10.72
CA LYS A 205 15.26 -16.43 -11.91
C LYS A 205 15.02 -17.85 -12.37
N SER A 206 16.05 -18.69 -12.35
CA SER A 206 15.86 -20.08 -12.75
C SER A 206 14.93 -20.81 -11.78
N GLU A 207 15.05 -20.54 -10.47
CA GLU A 207 14.18 -21.19 -9.51
C GLU A 207 12.73 -20.74 -9.69
N LEU A 208 12.53 -19.47 -10.04
CA LEU A 208 11.18 -19.02 -10.35
C LEU A 208 10.61 -19.79 -11.53
N ARG A 209 11.41 -19.94 -12.59
CA ARG A 209 10.94 -20.70 -13.74
C ARG A 209 10.63 -22.14 -13.34
N ASP A 210 11.44 -22.71 -12.46
CA ASP A 210 11.21 -24.09 -12.01
C ASP A 210 9.87 -24.22 -11.30
N ILE A 211 9.61 -23.30 -10.36
CA ILE A 211 8.37 -23.35 -9.59
C ILE A 211 7.16 -23.19 -10.51
N ILE A 212 7.22 -22.22 -11.43
CA ILE A 212 6.08 -21.99 -12.32
C ILE A 212 5.87 -23.18 -13.24
N THR A 213 6.95 -23.78 -13.75
CA THR A 213 6.82 -24.93 -14.64
C THR A 213 6.29 -26.15 -13.90
N THR A 214 6.77 -26.37 -12.67
CA THR A 214 6.26 -27.48 -11.87
C THR A 214 4.76 -27.36 -11.63
N LEU A 215 4.29 -26.16 -11.27
CA LEU A 215 2.85 -25.98 -11.08
C LEU A 215 2.09 -26.18 -12.39
N TYR A 216 2.63 -25.68 -13.50
CA TYR A 216 1.94 -25.87 -14.78
C TYR A 216 1.82 -27.35 -15.12
N LYS A 217 2.89 -28.11 -14.91
CA LYS A 217 2.81 -29.56 -15.08
C LYS A 217 1.75 -30.16 -14.17
N GLY A 218 1.67 -29.69 -12.93
CA GLY A 218 0.72 -30.22 -11.97
C GLY A 218 -0.73 -29.87 -12.27
N PHE A 219 -0.98 -28.91 -13.16
CA PHE A 219 -2.35 -28.54 -13.50
C PHE A 219 -2.74 -28.88 -14.94
N THR A 220 -1.84 -29.47 -15.73
CA THR A 220 -2.16 -29.81 -17.11
C THR A 220 -2.06 -31.31 -17.35
N ASN A 221 -2.30 -32.11 -16.32
CA ASN A 221 -2.18 -33.57 -16.39
C ASN A 221 -0.82 -33.95 -16.97
N GLY A 222 -0.78 -34.28 -18.25
CA GLY A 222 0.47 -34.62 -18.91
C GLY A 222 0.53 -34.07 -20.32
N ALA A 223 -0.27 -33.05 -20.58
CA ALA A 223 -0.34 -32.46 -21.92
C ALA A 223 0.99 -31.85 -22.30
N GLU A 224 1.55 -32.31 -23.42
CA GLU A 224 2.83 -31.80 -23.91
C GLU A 224 2.69 -30.60 -24.83
N SER A 225 1.46 -30.23 -25.21
CA SER A 225 1.20 -29.00 -25.95
C SER A 225 -0.17 -28.49 -25.54
N ARG A 226 -0.40 -27.19 -25.77
CA ARG A 226 -1.65 -26.57 -25.33
C ARG A 226 -2.85 -27.06 -26.12
N SER A 227 -2.63 -27.68 -27.28
CA SER A 227 -3.73 -28.30 -28.00
C SER A 227 -4.20 -29.60 -27.33
N ASP A 228 -3.37 -30.17 -26.43
CA ASP A 228 -3.75 -31.35 -25.69
C ASP A 228 -4.53 -31.05 -24.42
N ILE A 229 -4.68 -29.77 -24.05
CA ILE A 229 -5.37 -29.42 -22.83
C ILE A 229 -6.85 -29.77 -22.96
N SER A 230 -7.37 -30.50 -21.99
CA SER A 230 -8.78 -30.86 -22.00
C SER A 230 -9.64 -29.75 -21.43
N GLN A 231 -10.92 -29.77 -21.79
CA GLN A 231 -11.84 -28.76 -21.27
C GLN A 231 -12.06 -28.95 -19.77
N SER A 232 -11.90 -30.18 -19.27
CA SER A 232 -12.08 -30.43 -17.84
C SER A 232 -10.99 -29.79 -17.01
N THR A 233 -9.74 -29.86 -17.48
CA THR A 233 -8.64 -29.20 -16.77
C THR A 233 -8.83 -27.69 -16.76
N ILE A 234 -9.28 -27.11 -17.88
CA ILE A 234 -9.58 -25.68 -17.92
C ILE A 234 -10.68 -25.32 -16.93
N THR A 235 -11.72 -26.16 -16.87
CA THR A 235 -12.80 -25.92 -15.91
C THR A 235 -12.27 -25.93 -14.48
N LYS A 236 -11.44 -26.93 -14.14
CA LYS A 236 -10.94 -27.01 -12.77
C LYS A 236 -9.99 -25.87 -12.45
N PHE A 237 -9.22 -25.41 -13.43
CA PHE A 237 -8.32 -24.28 -13.15
C PHE A 237 -9.11 -22.99 -12.98
N ARG A 238 -10.20 -22.81 -13.72
CA ARG A 238 -11.05 -21.64 -13.46
C ARG A 238 -11.66 -21.74 -12.07
N GLU A 239 -12.04 -22.95 -11.64
CA GLU A 239 -12.47 -23.14 -10.27
C GLU A 239 -11.41 -22.67 -9.29
N TYR A 240 -10.15 -22.97 -9.57
CA TYR A 240 -9.07 -22.48 -8.70
C TYR A 240 -8.95 -20.95 -8.76
N SER A 241 -9.15 -20.38 -9.95
CA SER A 241 -9.09 -18.92 -10.10
C SER A 241 -10.12 -18.22 -9.22
N VAL A 242 -11.23 -18.91 -8.90
CA VAL A 242 -12.21 -18.35 -7.98
C VAL A 242 -11.98 -18.78 -6.53
N ASP A 243 -11.08 -19.71 -6.27
CA ASP A 243 -10.86 -20.16 -4.90
C ASP A 243 -10.24 -19.03 -4.07
N LYS A 244 -10.76 -18.82 -2.85
CA LYS A 244 -10.25 -17.72 -2.05
C LYS A 244 -8.79 -17.92 -1.65
N VAL A 245 -8.30 -19.16 -1.65
CA VAL A 245 -6.93 -19.42 -1.23
C VAL A 245 -5.97 -19.44 -2.40
N ALA A 246 -6.35 -20.08 -3.51
CA ALA A 246 -5.46 -20.19 -4.65
C ALA A 246 -5.46 -18.93 -5.52
N SER A 247 -6.58 -18.21 -5.57
CA SER A 247 -6.69 -17.09 -6.51
C SER A 247 -5.56 -16.07 -6.39
N PRO A 248 -5.16 -15.61 -5.19
CA PRO A 248 -3.98 -14.73 -5.13
C PRO A 248 -2.73 -15.33 -5.75
N VAL A 249 -2.50 -16.63 -5.55
CA VAL A 249 -1.32 -17.26 -6.16
C VAL A 249 -1.44 -17.28 -7.67
N ILE A 250 -2.62 -17.64 -8.20
CA ILE A 250 -2.82 -17.63 -9.64
C ILE A 250 -2.61 -16.23 -10.20
N GLN A 251 -3.08 -15.20 -9.49
CA GLN A 251 -2.85 -13.83 -9.92
C GLN A 251 -1.37 -13.53 -10.01
N LEU A 252 -0.63 -13.84 -8.95
CA LEU A 252 0.79 -13.54 -8.94
C LEU A 252 1.52 -14.26 -10.08
N ILE A 253 1.16 -15.52 -10.32
CA ILE A 253 1.81 -16.28 -11.38
C ILE A 253 1.49 -15.68 -12.74
N ILE A 254 0.22 -15.35 -12.98
CA ILE A 254 -0.17 -14.70 -14.23
C ILE A 254 0.59 -13.39 -14.41
N GLN A 255 0.87 -12.71 -13.30
CA GLN A 255 1.57 -11.43 -13.38
C GLN A 255 3.03 -11.63 -13.77
N VAL A 256 3.71 -12.59 -13.14
CA VAL A 256 5.16 -12.68 -13.24
C VAL A 256 5.64 -13.69 -14.28
N GLU A 257 4.74 -14.46 -14.90
CA GLU A 257 5.20 -15.46 -15.87
C GLU A 257 5.74 -14.84 -17.14
N GLY A 258 5.39 -13.60 -17.44
CA GLY A 258 5.91 -12.91 -18.62
C GLY A 258 7.41 -12.69 -18.59
N ILE A 259 8.05 -12.90 -17.44
CA ILE A 259 9.49 -12.71 -17.30
C ILE A 259 10.27 -13.72 -18.14
N PHE A 260 9.75 -14.94 -18.28
CA PHE A 260 10.48 -15.99 -18.98
C PHE A 260 9.63 -16.71 -20.01
N ASP A 261 8.32 -16.72 -19.81
CA ASP A 261 7.38 -17.41 -20.70
C ASP A 261 6.67 -16.36 -21.54
N ARG A 262 7.17 -16.13 -22.76
CA ARG A 262 6.55 -15.18 -23.67
C ARG A 262 5.13 -15.59 -24.08
N ASP A 263 4.82 -16.89 -24.00
CA ASP A 263 3.53 -17.42 -24.44
C ASP A 263 2.43 -17.27 -23.40
N ARG A 264 2.75 -16.91 -22.17
CA ARG A 264 1.77 -16.72 -21.09
C ARG A 264 0.88 -17.95 -20.98
N SER A 265 1.51 -19.06 -20.59
CA SER A 265 0.79 -20.33 -20.51
C SER A 265 -0.33 -20.27 -19.47
N PHE A 266 -0.04 -19.73 -18.29
CA PHE A 266 -1.06 -19.68 -17.24
C PHE A 266 -2.21 -18.77 -17.63
N TRP A 267 -1.95 -17.70 -18.38
CA TRP A 267 -3.05 -16.90 -18.88
C TRP A 267 -3.91 -17.70 -19.84
N ARG A 268 -3.27 -18.39 -20.80
CA ARG A 268 -4.01 -19.22 -21.76
C ARG A 268 -4.78 -20.33 -21.08
N LEU A 269 -4.38 -20.73 -19.87
CA LEU A 269 -5.11 -21.74 -19.12
C LEU A 269 -6.40 -21.21 -18.52
N VAL A 270 -6.62 -19.90 -18.53
CA VAL A 270 -7.81 -19.30 -17.93
C VAL A 270 -8.73 -18.71 -18.99
N PHE A 271 -8.19 -17.98 -19.96
CA PHE A 271 -8.97 -17.33 -20.99
C PHE A 271 -8.60 -17.88 -22.36
N ASN A 272 -9.48 -17.67 -23.33
CA ASN A 272 -9.27 -18.14 -24.69
C ASN A 272 -8.59 -17.06 -25.53
N THR A 273 -8.37 -17.36 -26.81
CA THR A 273 -7.80 -16.41 -27.75
C THR A 273 -8.67 -16.23 -28.98
N ALA A 274 -9.77 -16.96 -29.08
CA ALA A 274 -10.64 -16.89 -30.24
C ALA A 274 -11.29 -15.51 -30.38
N ASP A 275 -11.47 -15.09 -31.62
CA ASP A 275 -12.06 -13.79 -31.91
C ASP A 275 -13.57 -13.76 -31.72
N GLU A 276 -14.17 -14.86 -31.25
CA GLU A 276 -15.61 -14.92 -31.01
C GLU A 276 -15.87 -15.38 -29.59
N LYS A 277 -17.08 -15.11 -29.12
CA LYS A 277 -17.48 -15.52 -27.78
C LYS A 277 -17.54 -17.04 -27.67
N ASP A 278 -17.31 -17.53 -26.45
CA ASP A 278 -17.35 -18.94 -26.12
C ASP A 278 -18.35 -19.14 -24.98
N PRO A 279 -19.30 -20.06 -25.11
CA PRO A 279 -20.29 -20.26 -24.02
C PRO A 279 -19.66 -20.55 -22.66
N LYS A 280 -18.69 -21.45 -22.58
CA LYS A 280 -18.00 -21.70 -21.32
C LYS A 280 -17.28 -20.45 -20.84
N GLU A 281 -16.56 -19.79 -21.75
CA GLU A 281 -15.84 -18.58 -21.37
C GLU A 281 -16.80 -17.45 -21.01
N GLU A 282 -17.92 -17.34 -21.71
CA GLU A 282 -18.87 -16.28 -21.39
C GLU A 282 -19.51 -16.51 -20.02
N SER A 283 -19.82 -17.76 -19.69
CA SER A 283 -20.36 -18.04 -18.35
C SER A 283 -19.30 -17.80 -17.28
N PHE A 284 -18.04 -18.15 -17.55
CA PHE A 284 -16.97 -17.88 -16.60
C PHE A 284 -16.79 -16.37 -16.37
N LEU A 285 -16.83 -15.59 -17.45
CA LEU A 285 -16.70 -14.13 -17.32
C LEU A 285 -17.87 -13.53 -16.55
N GLU A 286 -19.09 -13.98 -16.86
CA GLU A 286 -20.24 -13.44 -16.12
C GLU A 286 -20.25 -13.92 -14.68
N TYR A 287 -19.51 -14.99 -14.36
CA TYR A 287 -19.37 -15.35 -12.95
C TYR A 287 -18.29 -14.52 -12.26
N LEU A 288 -17.20 -14.24 -12.96
CA LEU A 288 -16.17 -13.35 -12.40
C LEU A 288 -16.75 -11.97 -12.09
N LEU A 289 -17.59 -11.45 -12.98
CA LEU A 289 -18.14 -10.11 -12.82
C LEU A 289 -19.25 -10.02 -11.79
N SER A 290 -19.59 -11.12 -11.10
CA SER A 290 -20.58 -11.07 -10.03
C SER A 290 -20.07 -11.63 -8.71
N ASP A 291 -18.84 -12.13 -8.64
CA ASP A 291 -18.23 -12.70 -7.44
C ASP A 291 -17.12 -11.80 -6.92
N PRO A 292 -17.05 -11.55 -5.60
CA PRO A 292 -15.96 -10.70 -5.09
C PRO A 292 -14.58 -11.22 -5.41
N VAL A 293 -14.32 -12.49 -5.05
CA VAL A 293 -13.00 -13.07 -5.31
C VAL A 293 -12.71 -13.07 -6.80
N GLY A 294 -13.71 -13.36 -7.62
CA GLY A 294 -13.50 -13.35 -9.07
C GLY A 294 -13.30 -11.94 -9.61
N SER A 295 -14.05 -10.97 -9.09
CA SER A 295 -13.88 -9.60 -9.57
C SER A 295 -12.50 -9.07 -9.22
N HIS A 296 -12.01 -9.37 -8.02
CA HIS A 296 -10.67 -8.93 -7.66
C HIS A 296 -9.60 -9.69 -8.44
N PHE A 297 -9.84 -10.98 -8.73
CA PHE A 297 -8.94 -11.72 -9.61
C PHE A 297 -8.83 -11.05 -10.97
N LEU A 298 -9.97 -10.73 -11.56
CA LEU A 298 -9.98 -10.11 -12.88
C LEU A 298 -9.35 -8.73 -12.83
N GLU A 299 -9.67 -7.95 -11.79
CA GLU A 299 -9.04 -6.65 -11.60
C GLU A 299 -7.52 -6.76 -11.55
N ASN A 300 -7.00 -7.77 -10.84
CA ASN A 300 -5.57 -7.88 -10.69
C ASN A 300 -4.90 -8.34 -11.98
N VAL A 301 -5.49 -9.32 -12.67
CA VAL A 301 -4.84 -9.82 -13.87
C VAL A 301 -4.91 -8.78 -14.99
N ILE A 302 -5.97 -7.96 -15.01
CA ILE A 302 -6.10 -6.94 -16.06
C ILE A 302 -4.87 -6.03 -16.08
N GLY A 303 -4.36 -5.67 -14.91
CA GLY A 303 -3.21 -4.78 -14.87
C GLY A 303 -1.88 -5.44 -15.12
N SER A 304 -1.83 -6.77 -15.22
CA SER A 304 -0.56 -7.47 -15.40
C SER A 304 -0.51 -8.31 -16.67
N ALA A 305 -1.62 -8.48 -17.38
CA ALA A 305 -1.65 -9.24 -18.62
C ALA A 305 -1.33 -8.34 -19.82
N ARG A 306 -1.19 -8.98 -20.99
CA ARG A 306 -0.95 -8.22 -22.22
C ARG A 306 -2.13 -7.31 -22.51
N LEU A 307 -1.83 -6.15 -23.10
CA LEU A 307 -2.88 -5.19 -23.41
C LEU A 307 -3.88 -5.76 -24.43
N LYS A 308 -3.40 -6.58 -25.38
CA LYS A 308 -4.29 -7.09 -26.41
C LYS A 308 -5.29 -8.10 -25.85
N TYR A 309 -4.85 -8.98 -24.93
CA TYR A 309 -5.76 -9.94 -24.33
C TYR A 309 -6.82 -9.24 -23.50
N VAL A 310 -6.44 -8.17 -22.79
CA VAL A 310 -7.41 -7.41 -22.02
C VAL A 310 -8.38 -6.69 -22.94
N GLU A 311 -7.88 -6.12 -24.04
CA GLU A 311 -8.77 -5.49 -25.02
C GLU A 311 -9.75 -6.51 -25.60
N ARG A 312 -9.30 -7.73 -25.84
CA ARG A 312 -10.19 -8.79 -26.31
C ARG A 312 -11.28 -9.08 -25.31
N LEU A 313 -10.92 -9.25 -24.03
CA LEU A 313 -11.94 -9.49 -23.01
C LEU A 313 -12.92 -8.34 -22.94
N TYR A 314 -12.42 -7.10 -23.06
CA TYR A 314 -13.29 -5.92 -22.99
C TYR A 314 -14.26 -5.90 -24.16
N ARG A 315 -13.75 -6.13 -25.37
CA ARG A 315 -14.59 -6.09 -26.56
C ARG A 315 -15.65 -7.19 -26.54
N LEU A 316 -15.26 -8.38 -26.09
CA LEU A 316 -16.18 -9.52 -26.21
C LEU A 316 -17.22 -9.55 -25.09
N TYR A 317 -16.82 -9.25 -23.85
CA TYR A 317 -17.70 -9.54 -22.72
C TYR A 317 -18.07 -8.33 -21.87
N MET A 318 -17.55 -7.14 -22.16
CA MET A 318 -17.77 -6.00 -21.27
C MET A 318 -18.14 -4.69 -21.95
N LYS A 319 -17.77 -4.48 -23.22
CA LYS A 319 -17.93 -3.16 -23.83
C LYS A 319 -19.39 -2.73 -23.87
N ASP A 320 -20.31 -3.67 -23.98
CA ASP A 320 -21.72 -3.37 -24.17
C ASP A 320 -22.46 -3.09 -22.87
N ARG A 321 -21.96 -3.58 -21.73
CA ARG A 321 -22.69 -3.55 -20.46
C ARG A 321 -21.95 -2.74 -19.39
N ILE A 322 -21.18 -1.75 -19.82
CA ILE A 322 -20.25 -1.05 -18.92
C ILE A 322 -20.98 -0.44 -17.72
N VAL A 323 -22.15 0.15 -17.95
CA VAL A 323 -22.85 0.83 -16.86
C VAL A 323 -23.37 -0.18 -15.85
N LYS A 324 -24.03 -1.24 -16.34
CA LYS A 324 -24.57 -2.26 -15.45
C LYS A 324 -23.48 -2.84 -14.56
N LEU A 325 -22.28 -3.05 -15.11
CA LEU A 325 -21.16 -3.54 -14.32
C LEU A 325 -20.66 -2.48 -13.36
N ALA A 326 -20.61 -1.22 -13.80
CA ALA A 326 -20.07 -0.14 -12.97
C ALA A 326 -20.93 0.10 -11.73
N LYS A 327 -22.21 -0.25 -11.80
CA LYS A 327 -23.06 -0.10 -10.63
C LYS A 327 -22.84 -1.20 -9.58
N ARG A 328 -22.32 -2.36 -9.99
CA ARG A 328 -22.03 -3.45 -9.05
C ARG A 328 -20.84 -3.12 -8.16
N ASP A 329 -21.08 -2.42 -7.05
CA ASP A 329 -19.98 -1.77 -6.34
C ASP A 329 -19.08 -2.78 -5.63
N THR A 330 -19.59 -3.94 -5.25
CA THR A 330 -18.75 -4.95 -4.60
C THR A 330 -18.08 -5.92 -5.58
N THR A 331 -18.48 -5.90 -6.86
CA THR A 331 -17.89 -6.82 -7.82
C THR A 331 -17.40 -6.10 -9.07
N GLY A 332 -18.28 -5.93 -10.06
CA GLY A 332 -17.88 -5.40 -11.36
C GLY A 332 -17.27 -4.01 -11.32
N ALA A 333 -17.51 -3.25 -10.25
CA ALA A 333 -16.95 -1.91 -10.16
C ALA A 333 -15.42 -1.95 -10.19
N PHE A 334 -14.81 -2.92 -9.49
CA PHE A 334 -13.36 -3.04 -9.51
C PHE A 334 -12.84 -3.33 -10.91
N VAL A 335 -13.59 -4.13 -11.67
CA VAL A 335 -13.19 -4.43 -13.04
C VAL A 335 -13.30 -3.20 -13.92
N VAL A 336 -14.39 -2.43 -13.78
CA VAL A 336 -14.53 -1.22 -14.58
C VAL A 336 -13.42 -0.23 -14.23
N ARG A 337 -13.06 -0.14 -12.94
CA ARG A 337 -11.94 0.71 -12.53
C ARG A 337 -10.63 0.26 -13.15
N ALA A 338 -10.36 -1.05 -13.16
CA ALA A 338 -9.12 -1.51 -13.76
C ALA A 338 -9.11 -1.23 -15.26
N LEU A 339 -10.27 -1.35 -15.91
CA LEU A 339 -10.38 -0.97 -17.31
C LEU A 339 -10.01 0.49 -17.51
N LEU A 340 -10.63 1.37 -16.73
CA LEU A 340 -10.32 2.81 -16.81
C LEU A 340 -8.85 3.08 -16.57
N GLU A 341 -8.19 2.25 -15.76
CA GLU A 341 -6.79 2.51 -15.40
C GLU A 341 -5.78 1.86 -16.34
N HIS A 342 -6.19 0.92 -17.21
CA HIS A 342 -5.20 0.18 -17.99
C HIS A 342 -5.48 0.06 -19.49
N LEU A 343 -6.51 0.71 -20.01
CA LEU A 343 -6.85 0.60 -21.42
C LEU A 343 -6.25 1.75 -22.23
N LYS A 344 -6.45 1.67 -23.55
CA LYS A 344 -6.03 2.74 -24.45
C LYS A 344 -6.96 3.94 -24.32
N GLU A 345 -6.54 5.07 -24.92
CA GLU A 345 -7.26 6.33 -24.70
C GLU A 345 -8.67 6.29 -25.29
N LYS A 346 -8.81 5.78 -26.51
CA LYS A 346 -10.14 5.74 -27.13
C LYS A 346 -11.13 4.99 -26.26
N ASP A 347 -10.75 3.79 -25.81
CA ASP A 347 -11.63 2.97 -24.99
C ASP A 347 -11.87 3.58 -23.62
N VAL A 348 -10.82 4.20 -23.04
CA VAL A 348 -10.99 4.88 -21.76
C VAL A 348 -12.00 6.02 -21.88
N LYS A 349 -11.95 6.75 -22.99
CA LYS A 349 -12.89 7.86 -23.17
C LYS A 349 -14.30 7.35 -23.44
N GLN A 350 -14.45 6.23 -24.16
CA GLN A 350 -15.78 5.65 -24.34
C GLN A 350 -16.36 5.23 -22.98
N ILE A 351 -15.54 4.60 -22.13
CA ILE A 351 -16.01 4.21 -20.81
C ILE A 351 -16.36 5.43 -19.97
N LEU A 352 -15.58 6.51 -20.11
CA LEU A 352 -15.91 7.75 -19.39
C LEU A 352 -17.24 8.34 -19.87
N ASP A 353 -17.46 8.34 -21.19
CA ASP A 353 -18.75 8.79 -21.73
C ASP A 353 -19.89 7.98 -21.15
N ALA A 354 -19.67 6.68 -20.93
CA ALA A 354 -20.72 5.87 -20.32
C ALA A 354 -20.89 6.17 -18.83
N VAL A 355 -19.81 6.46 -18.13
CA VAL A 355 -19.83 6.41 -16.67
C VAL A 355 -20.09 7.77 -16.04
N VAL A 356 -19.49 8.84 -16.56
CA VAL A 356 -19.56 10.17 -15.93
C VAL A 356 -21.00 10.59 -15.59
N PRO A 357 -22.00 10.40 -16.46
CA PRO A 357 -23.37 10.76 -16.07
C PRO A 357 -23.86 10.10 -14.79
N GLU A 358 -23.39 8.90 -14.48
CA GLU A 358 -23.83 8.17 -13.29
C GLU A 358 -22.99 8.51 -12.05
N LEU A 359 -22.07 9.47 -12.15
CA LEU A 359 -21.12 9.72 -11.06
C LEU A 359 -21.84 10.12 -9.78
N SER A 360 -22.94 10.86 -9.90
CA SER A 360 -23.66 11.33 -8.72
C SER A 360 -24.26 10.16 -7.94
N MET A 361 -24.77 9.16 -8.66
CA MET A 361 -25.24 7.94 -8.00
C MET A 361 -24.06 7.13 -7.45
N LEU A 362 -22.99 6.97 -8.25
CA LEU A 362 -21.89 6.12 -7.84
C LEU A 362 -21.23 6.62 -6.55
N LEU A 363 -21.19 7.94 -6.35
CA LEU A 363 -20.54 8.48 -5.17
C LEU A 363 -21.31 8.20 -3.88
N ASN A 364 -22.59 7.81 -3.97
CA ASN A 364 -23.37 7.59 -2.76
C ASN A 364 -22.95 6.30 -2.05
N SER A 365 -22.49 5.29 -2.80
CA SER A 365 -22.22 3.98 -2.24
C SER A 365 -20.82 3.45 -2.56
N ASN A 366 -19.98 4.23 -3.23
CA ASN A 366 -18.69 3.75 -3.71
C ASN A 366 -17.77 4.92 -4.02
N MET A 367 -17.32 5.62 -2.98
CA MET A 367 -16.61 6.87 -3.22
C MET A 367 -15.23 6.62 -3.81
N ASP A 368 -14.62 5.48 -3.53
CA ASP A 368 -13.33 5.17 -4.14
C ASP A 368 -13.45 5.06 -5.65
N PHE A 369 -14.56 4.50 -6.14
CA PHE A 369 -14.80 4.44 -7.57
C PHE A 369 -14.93 5.83 -8.16
N GLY A 370 -15.71 6.71 -7.51
CA GLY A 370 -15.86 8.06 -8.02
C GLY A 370 -14.56 8.83 -8.03
N THR A 371 -13.75 8.67 -6.98
CA THR A 371 -12.43 9.29 -6.95
C THR A 371 -11.57 8.78 -8.11
N ALA A 372 -11.66 7.48 -8.41
CA ALA A 372 -10.93 6.93 -9.55
C ALA A 372 -11.44 7.52 -10.86
N ILE A 373 -12.75 7.69 -10.99
CA ILE A 373 -13.33 8.23 -12.23
C ILE A 373 -12.85 9.66 -12.46
N ILE A 374 -12.90 10.47 -11.40
CA ILE A 374 -12.41 11.85 -11.50
C ILE A 374 -10.92 11.87 -11.83
N ASN A 375 -10.13 11.00 -11.20
CA ASN A 375 -8.70 10.97 -11.46
C ASN A 375 -8.42 10.60 -12.91
N THR A 376 -9.16 9.62 -13.45
CA THR A 376 -8.98 9.25 -14.84
C THR A 376 -9.38 10.37 -15.78
N SER A 377 -10.51 11.03 -15.49
CA SER A 377 -10.91 12.19 -16.28
C SER A 377 -9.81 13.23 -16.31
N ASN A 378 -9.19 13.49 -15.15
CA ASN A 378 -8.14 14.49 -15.07
C ASN A 378 -6.90 14.07 -15.84
N LYS A 379 -6.51 12.80 -15.72
CA LYS A 379 -5.35 12.30 -16.45
C LYS A 379 -5.60 12.21 -17.95
N GLN A 380 -6.86 12.21 -18.39
CA GLN A 380 -7.18 12.22 -19.81
C GLN A 380 -7.44 13.63 -20.32
N GLY A 381 -6.62 14.59 -19.90
CA GLY A 381 -6.76 15.96 -20.36
C GLY A 381 -8.04 16.64 -19.93
N GLY A 382 -8.55 16.31 -18.75
CA GLY A 382 -9.79 16.91 -18.30
C GLY A 382 -10.99 16.55 -19.16
N TYR A 383 -11.07 15.30 -19.60
CA TYR A 383 -12.18 14.89 -20.46
C TYR A 383 -13.48 14.92 -19.69
N LEU A 384 -14.52 15.48 -20.32
CA LEU A 384 -15.85 15.61 -19.71
C LEU A 384 -15.82 16.39 -18.41
N ARG A 385 -14.88 17.34 -18.30
CA ARG A 385 -14.66 18.07 -17.05
C ARG A 385 -15.91 18.85 -16.62
N ASP A 386 -16.65 19.39 -17.57
CA ASP A 386 -17.75 20.28 -17.24
C ASP A 386 -18.91 19.53 -16.57
N ASP A 387 -19.27 18.36 -17.10
CA ASP A 387 -20.33 17.57 -16.47
C ASP A 387 -19.96 17.15 -15.06
N VAL A 388 -18.69 16.75 -14.88
CA VAL A 388 -18.23 16.33 -13.55
C VAL A 388 -18.32 17.48 -12.57
N ILE A 389 -17.86 18.67 -13.00
CA ILE A 389 -17.89 19.84 -12.12
C ILE A 389 -19.32 20.22 -11.77
N ALA A 390 -20.23 20.13 -12.74
CA ALA A 390 -21.63 20.47 -12.48
C ALA A 390 -22.24 19.51 -11.47
N GLN A 391 -22.04 18.20 -11.67
CA GLN A 391 -22.60 17.21 -10.76
C GLN A 391 -22.05 17.38 -9.35
N LEU A 392 -20.74 17.58 -9.24
CA LEU A 392 -20.11 17.73 -7.94
C LEU A 392 -20.61 19.00 -7.23
N ILE A 393 -20.71 20.11 -7.97
CA ILE A 393 -21.21 21.35 -7.38
C ILE A 393 -22.63 21.15 -6.86
N GLN A 394 -23.54 20.65 -7.71
CA GLN A 394 -24.91 20.51 -7.28
C GLN A 394 -25.05 19.50 -6.14
N LYS A 395 -24.13 18.54 -6.04
CA LYS A 395 -24.24 17.51 -5.01
C LYS A 395 -23.61 17.90 -3.69
N TYR A 396 -22.54 18.71 -3.70
CA TYR A 396 -21.78 18.98 -2.49
C TYR A 396 -21.72 20.46 -2.09
N TYR A 397 -21.92 21.39 -3.02
CA TYR A 397 -21.83 22.82 -2.71
C TYR A 397 -22.79 23.60 -3.61
N PRO A 398 -24.09 23.41 -3.42
CA PRO A 398 -25.05 24.11 -4.28
C PRO A 398 -25.11 25.60 -3.95
N GLU A 399 -25.50 26.38 -4.95
CA GLU A 399 -25.56 27.83 -4.75
C GLU A 399 -26.77 28.24 -3.94
N LYS A 400 -27.88 27.52 -4.05
CA LYS A 400 -29.12 27.95 -3.42
C LYS A 400 -29.11 27.72 -1.91
N SER A 401 -28.31 26.79 -1.41
CA SER A 401 -28.31 26.50 0.01
C SER A 401 -27.73 27.70 0.79
N ASP A 402 -28.31 27.94 1.97
CA ASP A 402 -27.85 29.05 2.80
C ASP A 402 -26.49 28.74 3.42
N ALA A 403 -26.41 27.67 4.20
CA ALA A 403 -25.19 27.32 4.92
C ALA A 403 -24.44 26.22 4.17
N LYS A 404 -23.91 26.60 3.01
CA LYS A 404 -23.10 25.67 2.21
C LYS A 404 -21.68 25.57 2.77
N ASN A 405 -21.18 24.33 2.84
CA ASN A 405 -19.84 24.05 3.35
C ASN A 405 -19.42 22.68 2.87
N ILE A 406 -18.31 22.62 2.12
CA ILE A 406 -17.90 21.34 1.53
C ILE A 406 -17.27 20.42 2.56
N LEU A 407 -16.78 20.95 3.68
CA LEU A 407 -16.28 20.08 4.74
C LEU A 407 -17.41 19.34 5.44
N GLU A 408 -18.64 19.86 5.37
CA GLU A 408 -19.76 19.20 6.03
C GLU A 408 -20.51 18.26 5.11
N SER A 409 -20.52 18.53 3.80
CA SER A 409 -21.16 17.64 2.86
C SER A 409 -20.25 16.53 2.37
N CYS A 410 -18.93 16.71 2.42
CA CYS A 410 -17.97 15.67 2.04
C CYS A 410 -17.46 14.89 3.25
N LEU A 411 -16.76 15.55 4.16
CA LEU A 411 -16.13 14.85 5.26
C LEU A 411 -17.09 14.47 6.38
N LEU A 412 -18.33 14.98 6.35
CA LEU A 412 -19.26 14.82 7.47
C LEU A 412 -18.58 15.21 8.77
N LEU A 413 -18.13 16.47 8.81
CA LEU A 413 -17.18 16.89 9.83
C LEU A 413 -17.81 16.92 11.21
N SER A 414 -19.06 17.39 11.32
CA SER A 414 -19.69 17.50 12.63
C SER A 414 -19.88 16.13 13.29
N ALA A 415 -20.03 15.07 12.49
CA ALA A 415 -20.14 13.72 13.02
C ALA A 415 -18.88 12.92 12.71
N SER A 416 -17.71 13.46 13.06
CA SER A 416 -16.44 12.83 12.76
C SER A 416 -15.59 12.73 14.02
N THR A 417 -14.43 12.10 13.86
CA THR A 417 -13.48 11.93 14.96
C THR A 417 -12.93 13.24 15.48
N LEU A 418 -13.07 14.33 14.72
CA LEU A 418 -12.36 15.57 15.02
C LEU A 418 -12.73 16.09 16.41
N GLY A 419 -11.71 16.29 17.24
CA GLY A 419 -11.89 16.93 18.52
C GLY A 419 -12.58 16.09 19.58
N ASN A 420 -12.67 14.78 19.38
CA ASN A 420 -13.29 13.94 20.40
C ASN A 420 -12.39 13.82 21.62
N THR A 421 -13.03 13.65 22.79
CA THR A 421 -12.28 13.56 24.03
C THR A 421 -11.61 12.19 24.15
N ARG A 422 -12.34 11.13 23.85
CA ARG A 422 -11.78 9.79 23.88
C ARG A 422 -10.73 9.62 22.79
N ASP A 423 -9.87 8.62 22.96
CA ASP A 423 -8.70 8.45 22.10
C ASP A 423 -9.02 7.59 20.89
N ASP A 424 -10.08 7.95 20.16
CA ASP A 424 -10.45 7.25 18.94
C ASP A 424 -9.59 7.73 17.78
N TRP A 425 -9.03 6.79 17.03
CA TRP A 425 -8.28 7.11 15.84
C TRP A 425 -9.22 7.39 14.67
N PRO A 426 -8.73 8.08 13.65
CA PRO A 426 -9.57 8.32 12.46
C PRO A 426 -9.91 7.02 11.74
N THR A 427 -11.09 7.00 11.11
CA THR A 427 -11.64 5.80 10.50
C THR A 427 -11.29 5.73 9.01
N ALA A 428 -11.82 4.72 8.33
CA ALA A 428 -11.54 4.51 6.91
C ALA A 428 -12.48 5.30 6.01
N GLU A 429 -13.74 5.49 6.42
CA GLU A 429 -14.64 6.33 5.65
C GLU A 429 -14.14 7.76 5.62
N GLU A 430 -13.62 8.26 6.75
CA GLU A 430 -13.01 9.58 6.79
C GLU A 430 -11.81 9.67 5.86
N ARG A 431 -11.00 8.61 5.81
CA ARG A 431 -9.81 8.61 4.94
C ARG A 431 -10.20 8.63 3.48
N ARG A 432 -11.22 7.87 3.09
CA ARG A 432 -11.62 7.88 1.68
C ARG A 432 -12.32 9.17 1.30
N ARG A 433 -13.10 9.76 2.22
CA ARG A 433 -13.69 11.07 1.95
C ARG A 433 -12.62 12.13 1.81
N SER A 434 -11.56 12.06 2.62
CA SER A 434 -10.45 13.00 2.50
C SER A 434 -9.71 12.83 1.18
N VAL A 435 -9.48 11.58 0.76
CA VAL A 435 -8.88 11.35 -0.55
C VAL A 435 -9.75 11.95 -1.64
N PHE A 436 -11.08 11.79 -1.51
CA PHE A 436 -12.00 12.33 -2.51
C PHE A 436 -11.96 13.86 -2.56
N LEU A 437 -11.99 14.50 -1.39
CA LEU A 437 -11.92 15.96 -1.35
C LEU A 437 -10.60 16.47 -1.92
N GLU A 438 -9.50 15.77 -1.63
CA GLU A 438 -8.21 16.16 -2.20
C GLU A 438 -8.19 15.97 -3.71
N GLN A 439 -8.87 14.93 -4.21
CA GLN A 439 -9.00 14.76 -5.65
C GLN A 439 -9.78 15.92 -6.26
N LEU A 440 -10.85 16.35 -5.60
CA LEU A 440 -11.58 17.51 -6.07
C LEU A 440 -10.70 18.76 -6.10
N ILE A 441 -9.93 18.98 -5.03
CA ILE A 441 -9.08 20.16 -4.94
C ILE A 441 -8.05 20.17 -6.08
N ASP A 442 -7.55 19.00 -6.46
CA ASP A 442 -6.60 18.92 -7.55
C ASP A 442 -7.27 18.84 -8.92
N TYR A 443 -8.59 18.87 -8.97
CA TYR A 443 -9.31 18.76 -10.23
C TYR A 443 -9.65 20.12 -10.84
N ASP A 444 -10.05 21.08 -10.01
CA ASP A 444 -10.36 22.42 -10.50
C ASP A 444 -10.20 23.41 -9.36
N ASP A 445 -9.85 24.65 -9.73
CA ASP A 445 -9.68 25.70 -8.74
C ASP A 445 -10.96 26.02 -7.99
N LYS A 446 -12.13 25.76 -8.59
CA LYS A 446 -13.38 26.01 -7.88
C LYS A 446 -13.43 25.26 -6.56
N PHE A 447 -12.92 24.02 -6.55
CA PHE A 447 -12.98 23.23 -5.34
C PHE A 447 -11.92 23.66 -4.33
N LEU A 448 -10.75 24.10 -4.80
CA LEU A 448 -9.77 24.68 -3.90
C LEU A 448 -10.32 25.93 -3.21
N ASN A 449 -10.94 26.83 -3.99
CA ASN A 449 -11.57 28.01 -3.41
C ASN A 449 -12.69 27.64 -2.44
N ILE A 450 -13.53 26.68 -2.82
CA ILE A 450 -14.65 26.26 -1.97
C ILE A 450 -14.14 25.70 -0.65
N THR A 451 -13.07 24.88 -0.71
CA THR A 451 -12.52 24.32 0.51
C THR A 451 -11.91 25.40 1.40
N ILE A 452 -11.24 26.39 0.81
CA ILE A 452 -10.65 27.44 1.62
C ILE A 452 -11.73 28.28 2.27
N ASP A 453 -12.79 28.61 1.53
CA ASP A 453 -13.90 29.36 2.11
C ASP A 453 -14.55 28.56 3.25
N SER A 454 -14.81 27.27 3.01
CA SER A 454 -15.41 26.43 4.04
C SER A 454 -14.54 26.36 5.28
N MET A 455 -13.22 26.29 5.10
CA MET A 455 -12.32 26.29 6.24
C MET A 455 -12.43 27.60 7.01
N LEU A 456 -12.41 28.73 6.31
CA LEU A 456 -12.51 30.02 6.98
C LEU A 456 -13.87 30.21 7.64
N ALA A 457 -14.89 29.45 7.25
CA ALA A 457 -16.20 29.56 7.88
C ALA A 457 -16.33 28.74 9.17
N LEU A 458 -15.42 27.82 9.43
CA LEU A 458 -15.45 27.10 10.68
C LEU A 458 -14.93 28.01 11.79
N PRO A 459 -15.31 27.76 13.04
CA PRO A 459 -14.62 28.41 14.16
C PRO A 459 -13.16 27.98 14.19
N GLU A 460 -12.26 28.98 14.20
CA GLU A 460 -10.84 28.75 13.97
C GLU A 460 -10.26 27.63 14.83
N GLU A 461 -10.85 27.37 16.00
CA GLU A 461 -10.40 26.26 16.83
C GLU A 461 -10.69 24.93 16.16
N ARG A 462 -11.78 24.85 15.39
CA ARG A 462 -12.06 23.63 14.65
C ARG A 462 -11.05 23.41 13.52
N LEU A 463 -10.66 24.48 12.83
CA LEU A 463 -9.64 24.35 11.80
C LEU A 463 -8.30 23.93 12.40
N ILE A 464 -7.95 24.47 13.57
CA ILE A 464 -6.72 24.05 14.22
C ILE A 464 -6.80 22.59 14.65
N GLN A 465 -7.98 22.14 15.10
CA GLN A 465 -8.17 20.72 15.36
C GLN A 465 -7.93 19.89 14.10
N MET A 466 -8.46 20.32 12.96
CA MET A 466 -8.15 19.67 11.68
C MET A 466 -6.66 19.56 11.48
N CYS A 467 -5.92 20.63 11.76
CA CYS A 467 -4.47 20.63 11.62
C CYS A 467 -3.82 19.56 12.50
N TYR A 468 -4.42 19.25 13.65
CA TYR A 468 -3.85 18.24 14.52
C TYR A 468 -4.38 16.83 14.25
N HIS A 469 -5.27 16.65 13.27
CA HIS A 469 -5.92 15.37 13.06
C HIS A 469 -5.04 14.43 12.25
N GLY A 470 -5.31 13.14 12.37
CA GLY A 470 -4.49 12.16 11.66
C GLY A 470 -4.75 12.13 10.17
N VAL A 471 -6.01 12.22 9.77
CA VAL A 471 -6.39 12.15 8.37
C VAL A 471 -6.73 13.52 7.80
N PHE A 472 -7.46 14.33 8.56
CA PHE A 472 -7.89 15.64 8.07
C PHE A 472 -6.73 16.60 7.89
N SER A 473 -5.62 16.38 8.59
CA SER A 473 -4.43 17.20 8.41
C SER A 473 -4.09 17.35 6.94
N HIS A 474 -4.03 16.22 6.22
CA HIS A 474 -3.70 16.26 4.79
C HIS A 474 -4.60 17.22 4.03
N VAL A 475 -5.90 17.21 4.34
CA VAL A 475 -6.83 18.13 3.69
C VAL A 475 -6.36 19.57 3.84
N VAL A 476 -6.07 19.98 5.08
CA VAL A 476 -5.52 21.32 5.29
C VAL A 476 -4.26 21.48 4.46
N GLU A 477 -3.34 20.53 4.59
CA GLU A 477 -2.07 20.61 3.87
C GLU A 477 -2.29 20.75 2.38
N HIS A 478 -3.42 20.23 1.87
CA HIS A 478 -3.63 20.19 0.45
C HIS A 478 -4.05 21.54 -0.14
N VAL A 479 -4.58 22.44 0.69
CA VAL A 479 -4.99 23.74 0.17
C VAL A 479 -3.85 24.74 0.15
N LEU A 480 -2.68 24.38 0.67
CA LEU A 480 -1.55 25.29 0.76
C LEU A 480 -0.71 25.25 -0.52
N GLN A 481 -1.38 25.53 -1.64
CA GLN A 481 -0.74 25.60 -2.95
C GLN A 481 -0.57 27.08 -3.32
N THR A 482 0.67 27.57 -3.21
CA THR A 482 0.91 29.01 -3.17
C THR A 482 0.46 29.71 -4.44
N THR A 483 0.80 29.14 -5.60
CA THR A 483 0.51 29.83 -6.86
C THR A 483 -0.96 29.78 -7.23
N ARG A 484 -1.76 28.93 -6.58
CA ARG A 484 -3.16 28.75 -6.95
C ARG A 484 -4.13 29.48 -6.03
N VAL A 485 -3.66 30.05 -4.91
CA VAL A 485 -4.52 30.69 -3.93
C VAL A 485 -4.30 32.19 -3.98
N ASP A 486 -5.38 32.95 -4.14
CA ASP A 486 -5.28 34.40 -4.18
C ASP A 486 -4.78 34.94 -2.85
N ILE A 487 -4.30 36.19 -2.87
CA ILE A 487 -3.53 36.71 -1.75
C ILE A 487 -4.40 36.87 -0.51
N ILE A 488 -5.68 37.22 -0.66
CA ILE A 488 -6.53 37.49 0.49
C ILE A 488 -6.81 36.21 1.28
N LYS A 489 -7.13 35.13 0.57
CA LYS A 489 -7.31 33.84 1.24
C LYS A 489 -6.04 33.42 1.94
N ARG A 490 -4.89 33.62 1.30
CA ARG A 490 -3.62 33.30 1.96
C ARG A 490 -3.46 34.10 3.24
N LYS A 491 -3.81 35.39 3.22
CA LYS A 491 -3.67 36.21 4.41
C LYS A 491 -4.58 35.73 5.54
N MET A 492 -5.83 35.39 5.21
CA MET A 492 -6.75 34.91 6.25
C MET A 492 -6.27 33.58 6.83
N LEU A 493 -5.94 32.62 5.95
CA LEU A 493 -5.40 31.34 6.41
C LEU A 493 -4.16 31.54 7.28
N LEU A 494 -3.23 32.39 6.82
CA LEU A 494 -1.99 32.57 7.55
C LEU A 494 -2.24 33.18 8.92
N ASN A 495 -3.16 34.14 9.03
CA ASN A 495 -3.44 34.70 10.34
C ASN A 495 -4.03 33.64 11.27
N ILE A 496 -4.92 32.79 10.73
CA ILE A 496 -5.50 31.75 11.58
C ILE A 496 -4.40 30.79 12.06
N LEU A 497 -3.49 30.39 11.17
CA LEU A 497 -2.50 29.36 11.48
C LEU A 497 -1.32 29.87 12.29
N SER A 498 -1.01 31.17 12.22
CA SER A 498 0.19 31.69 12.89
C SER A 498 0.07 31.66 14.41
N LYS A 499 -1.14 31.84 14.95
CA LYS A 499 -1.29 31.90 16.39
C LYS A 499 -0.90 30.59 17.07
N GLU A 500 -0.87 29.50 16.32
CA GLU A 500 -0.48 28.19 16.85
C GLU A 500 0.83 27.71 16.22
N SER A 501 1.77 28.64 15.98
CA SER A 501 3.01 28.30 15.30
C SER A 501 3.79 27.22 16.04
N VAL A 502 4.19 27.52 17.29
CA VAL A 502 5.00 26.57 18.05
C VAL A 502 4.29 25.24 18.20
N ASN A 503 3.00 25.27 18.55
CA ASN A 503 2.26 24.02 18.75
C ASN A 503 2.14 23.21 17.47
N LEU A 504 2.04 23.86 16.31
CA LEU A 504 1.99 23.13 15.05
C LEU A 504 3.35 22.54 14.69
N ALA A 505 4.41 23.32 14.90
CA ALA A 505 5.75 22.86 14.52
C ALA A 505 6.15 21.62 15.30
N CYS A 506 5.85 21.58 16.60
CA CYS A 506 6.22 20.45 17.43
C CYS A 506 5.26 19.28 17.30
N ASN A 507 4.31 19.34 16.38
CA ASN A 507 3.32 18.30 16.21
C ASN A 507 3.68 17.40 15.02
N VAL A 508 3.28 16.13 15.13
CA VAL A 508 3.61 15.16 14.08
C VAL A 508 2.95 15.55 12.77
N TYR A 509 1.71 16.05 12.82
CA TYR A 509 1.00 16.40 11.61
C TYR A 509 1.14 17.87 11.24
N GLY A 510 1.15 18.76 12.25
CA GLY A 510 1.23 20.19 11.98
C GLY A 510 2.57 20.65 11.44
N SER A 511 3.64 19.88 11.69
CA SER A 511 4.96 20.27 11.21
C SER A 511 4.99 20.32 9.68
N HIS A 512 4.30 19.39 9.02
CA HIS A 512 4.25 19.45 7.57
C HIS A 512 3.46 20.65 7.08
N ILE A 513 2.45 21.06 7.85
CA ILE A 513 1.70 22.27 7.53
C ILE A 513 2.61 23.50 7.62
N MET A 514 3.45 23.57 8.67
CA MET A 514 4.41 24.66 8.76
C MET A 514 5.42 24.64 7.59
N ASP A 515 5.87 23.44 7.21
CA ASP A 515 6.77 23.34 6.06
C ASP A 515 6.13 23.92 4.79
N LYS A 516 4.87 23.56 4.54
CA LYS A 516 4.15 24.14 3.40
C LYS A 516 4.00 25.65 3.55
N LEU A 517 3.83 26.12 4.79
CA LEU A 517 3.71 27.56 5.01
C LEU A 517 5.00 28.29 4.65
N TRP A 518 6.14 27.62 4.78
CA TRP A 518 7.39 28.26 4.40
C TRP A 518 7.31 28.82 2.97
N GLU A 519 6.71 28.06 2.06
CA GLU A 519 6.54 28.54 0.69
C GLU A 519 5.26 29.35 0.53
N PHE A 520 4.22 29.03 1.31
CA PHE A 520 2.92 29.68 1.20
C PHE A 520 2.96 31.17 1.54
N THR A 521 3.94 31.61 2.33
CA THR A 521 4.05 33.00 2.75
C THR A 521 4.86 33.84 1.77
N ALA A 522 4.52 33.77 0.48
CA ALA A 522 5.33 34.38 -0.57
C ALA A 522 5.35 35.91 -0.47
N LYS A 523 4.44 36.57 -1.18
CA LYS A 523 4.38 38.03 -1.14
C LYS A 523 3.92 38.59 0.24
N LEU A 524 3.94 37.77 1.29
CA LEU A 524 3.46 38.14 2.61
C LEU A 524 4.60 37.97 3.62
N THR A 525 5.62 38.82 3.50
CA THR A 525 6.82 38.66 4.32
C THR A 525 6.53 38.94 5.80
N LEU A 526 5.53 39.76 6.09
CA LEU A 526 5.20 40.04 7.49
C LEU A 526 4.78 38.77 8.24
N TYR A 527 4.12 37.84 7.55
CA TYR A 527 3.76 36.58 8.22
C TYR A 527 4.97 35.68 8.40
N LYS A 528 5.92 35.73 7.45
CA LYS A 528 7.21 35.09 7.68
C LYS A 528 7.83 35.59 8.97
N GLU A 529 7.89 36.92 9.14
CA GLU A 529 8.47 37.49 10.35
C GLU A 529 7.71 37.07 11.59
N ARG A 530 6.37 37.06 11.52
CA ARG A 530 5.57 36.68 12.68
C ARG A 530 5.84 35.25 13.10
N ILE A 531 5.80 34.33 12.14
CA ILE A 531 6.03 32.92 12.45
C ILE A 531 7.46 32.69 12.94
N ALA A 532 8.43 33.37 12.31
CA ALA A 532 9.82 33.24 12.72
C ALA A 532 10.00 33.68 14.16
N ARG A 533 9.52 34.87 14.50
CA ARG A 533 9.62 35.36 15.88
C ARG A 533 8.92 34.41 16.83
N ALA A 534 7.75 33.89 16.46
CA ALA A 534 7.01 32.99 17.33
C ALA A 534 7.83 31.74 17.64
N LEU A 535 8.48 31.18 16.62
CA LEU A 535 9.28 29.97 16.83
C LEU A 535 10.53 30.26 17.64
N VAL A 536 11.17 31.40 17.39
CA VAL A 536 12.37 31.75 18.15
C VAL A 536 12.04 31.98 19.62
N LEU A 537 10.82 32.45 19.92
CA LEU A 537 10.45 32.69 21.32
C LEU A 537 10.55 31.43 22.16
N GLU A 538 10.18 30.28 21.58
CA GLU A 538 10.23 29.01 22.31
C GLU A 538 11.21 28.04 21.65
N THR A 539 12.22 28.59 20.98
CA THR A 539 13.42 27.88 20.53
C THR A 539 13.73 26.60 21.28
N GLU A 540 13.74 26.64 22.61
CA GLU A 540 14.14 25.46 23.37
C GLU A 540 13.15 24.31 23.16
N LYS A 541 11.87 24.58 23.38
CA LYS A 541 10.85 23.57 23.13
C LYS A 541 10.84 23.13 21.67
N VAL A 542 11.14 24.05 20.75
CA VAL A 542 11.14 23.70 19.33
C VAL A 542 12.26 22.72 19.02
N LYS A 543 13.45 22.97 19.57
CA LYS A 543 14.59 22.08 19.29
C LYS A 543 14.47 20.76 20.05
N ASN A 544 13.81 20.75 21.21
CA ASN A 544 13.64 19.49 21.93
C ASN A 544 12.78 18.51 21.15
N SER A 545 11.70 18.99 20.55
CA SER A 545 10.90 18.16 19.67
C SER A 545 11.67 17.84 18.39
N ILE A 546 11.41 16.66 17.84
CA ILE A 546 12.07 16.26 16.60
C ILE A 546 11.48 17.01 15.41
N TYR A 547 10.14 17.03 15.34
CA TYR A 547 9.48 17.79 14.27
C TYR A 547 9.81 19.27 14.38
N GLY A 548 9.97 19.78 15.60
CA GLY A 548 10.42 21.14 15.76
C GLY A 548 11.77 21.37 15.13
N ARG A 549 12.70 20.44 15.30
CA ARG A 549 14.00 20.54 14.64
C ARG A 549 13.83 20.54 13.12
N GLN A 550 12.94 19.68 12.61
CA GLN A 550 12.73 19.62 11.16
C GLN A 550 12.20 20.95 10.62
N VAL A 551 11.23 21.54 11.32
CA VAL A 551 10.67 22.82 10.90
C VAL A 551 11.71 23.92 11.03
N TRP A 552 12.52 23.87 12.09
CA TRP A 552 13.60 24.82 12.25
C TRP A 552 14.55 24.78 11.06
N LYS A 553 14.85 23.57 10.57
CA LYS A 553 15.69 23.42 9.39
C LYS A 553 14.99 23.98 8.15
N ASN A 554 13.75 23.55 7.89
CA ASN A 554 13.08 23.91 6.65
C ASN A 554 12.83 25.41 6.55
N TRP A 555 12.54 26.06 7.67
CA TRP A 555 12.38 27.52 7.71
C TRP A 555 13.72 28.24 7.78
N LYS A 556 14.81 27.52 8.05
CA LYS A 556 16.16 28.08 8.01
C LYS A 556 16.30 29.20 9.04
N LEU A 557 15.83 28.93 10.25
CA LEU A 557 15.84 29.94 11.30
C LEU A 557 17.24 30.20 11.85
N GLU A 558 18.19 29.31 11.58
CA GLU A 558 19.58 29.60 11.94
C GLU A 558 20.09 30.83 11.20
N LEU A 559 19.77 30.92 9.92
CA LEU A 559 20.09 32.14 9.17
C LEU A 559 19.30 33.34 9.69
N TYR A 560 18.08 33.11 10.19
CA TYR A 560 17.29 34.20 10.75
C TYR A 560 17.94 34.79 12.00
N VAL A 561 18.44 33.92 12.88
CA VAL A 561 19.07 34.39 14.11
C VAL A 561 20.44 34.99 13.81
N ARG A 562 21.27 34.28 13.05
CA ARG A 562 22.66 34.68 12.87
C ARG A 562 22.79 35.93 12.00
N LYS A 563 22.30 35.87 10.76
CA LYS A 563 22.40 36.98 9.82
C LYS A 563 21.02 37.25 9.21
N MET A 564 20.29 38.16 9.85
CA MET A 564 18.95 38.53 9.39
C MET A 564 18.94 38.97 7.93
N TRP A 565 20.02 39.63 7.47
CA TRP A 565 20.02 40.18 6.12
C TRP A 565 20.14 39.09 5.07
N ASP A 566 20.94 38.05 5.33
CA ASP A 566 20.97 36.92 4.41
C ASP A 566 19.63 36.19 4.39
N TRP A 567 18.92 36.19 5.52
CA TRP A 567 17.58 35.61 5.56
C TRP A 567 16.62 36.41 4.68
N LYS A 568 16.64 37.73 4.80
CA LYS A 568 15.81 38.58 3.95
C LYS A 568 16.18 38.43 2.48
N LYS A 569 17.47 38.23 2.18
CA LYS A 569 17.87 38.01 0.80
C LYS A 569 17.37 36.66 0.27
N LEU A 570 17.42 35.62 1.11
CA LEU A 570 16.84 34.33 0.75
C LEU A 570 15.35 34.48 0.47
N ILE A 571 14.65 35.26 1.29
CA ILE A 571 13.21 35.48 1.10
C ILE A 571 12.96 36.21 -0.22
N LYS A 572 13.74 37.26 -0.49
CA LYS A 572 13.60 38.01 -1.73
C LYS A 572 13.90 37.14 -2.95
N GLU A 573 14.83 36.18 -2.81
CA GLU A 573 15.10 35.27 -3.92
C GLU A 573 13.92 34.32 -4.14
N GLN A 574 13.41 33.73 -3.06
CA GLN A 574 12.27 32.84 -3.18
C GLN A 574 11.06 33.54 -3.78
N GLU A 575 10.88 34.84 -3.48
CA GLU A 575 9.72 35.57 -3.99
C GLU A 575 9.67 35.51 -5.51
N PHE A 576 10.71 36.01 -6.19
CA PHE A 576 10.73 35.94 -7.64
C PHE A 576 11.00 34.53 -8.15
N GLU A 577 11.38 33.59 -7.28
CA GLU A 577 11.47 32.20 -7.69
C GLU A 577 10.08 31.58 -7.87
N ILE A 578 9.14 31.93 -6.99
CA ILE A 578 7.79 31.39 -7.11
C ILE A 578 6.97 32.21 -8.10
N PHE A 579 7.07 33.54 -8.03
CA PHE A 579 6.33 34.42 -8.93
C PHE A 579 7.30 35.12 -9.89
N PRO A 580 7.47 34.63 -11.13
CA PRO A 580 8.35 35.29 -12.11
C PRO A 580 7.66 36.43 -12.86
#